data_2E2O
#
_entry.id   2E2O
#
_cell.length_a   50.806
_cell.length_b   77.748
_cell.length_c   162.547
_cell.angle_alpha   90.00
_cell.angle_beta   90.00
_cell.angle_gamma   90.00
#
_symmetry.space_group_name_H-M   'C 2 2 21'
#
loop_
_entity.id
_entity.type
_entity.pdbx_description
1 polymer HEXOKINASE
2 non-polymer beta-D-glucopyranose
3 water water
#
_entity_poly.entity_id   1
_entity_poly.type   'polypeptide(L)'
_entity_poly.pdbx_seq_one_letter_code
;MMIIVGVDAGGTKTKAVAYDCEGNFIGEGSSGPGNYHNVGLTRAIENIKEAVKIAAKGEADVVGMGVAGLDSKFDWENFT
PLASLIAPKVIIQHDGVIALFAETLGEPGVVVIAGTGSVVEGYNGKEFLRVGGRGWLLSDDGSAYWVGRKALRKVLKMMD
GLENKTILYNKVLKTINVKDLDELVMWSYTSSCQIDLVASIAKAVDEAANEGDTVAMDILKQGAELLASQAVYLARKIGT
NKVYLKGGMFRSNIYHKFFTLYLEKEGIISDLGKRSPEIGAVILAYKEVGCDIKKLISD
;
_entity_poly.pdbx_strand_id   A
#
loop_
_chem_comp.id
_chem_comp.type
_chem_comp.name
_chem_comp.formula
BGC D-saccharide, beta linking beta-D-glucopyranose 'C6 H12 O6'
#
# COMPACT_ATOMS: atom_id res chain seq x y z
N MET A 1 21.38 3.48 -22.92
CA MET A 1 22.16 2.38 -22.29
C MET A 1 21.25 1.38 -21.59
N MET A 2 21.66 0.98 -20.38
CA MET A 2 20.91 0.02 -19.57
C MET A 2 19.67 0.66 -18.98
N ILE A 3 18.54 -0.07 -19.03
CA ILE A 3 17.28 0.42 -18.48
C ILE A 3 16.91 -0.38 -17.24
N ILE A 4 16.86 0.29 -16.10
CA ILE A 4 16.52 -0.33 -14.82
C ILE A 4 15.17 0.19 -14.36
N VAL A 5 14.23 -0.72 -14.08
CA VAL A 5 12.91 -0.32 -13.64
C VAL A 5 12.59 -0.77 -12.23
N GLY A 6 12.10 0.15 -11.40
CA GLY A 6 11.72 -0.17 -10.03
C GLY A 6 10.20 -0.21 -9.99
N VAL A 7 9.64 -1.24 -9.36
CA VAL A 7 8.19 -1.40 -9.31
C VAL A 7 7.57 -1.63 -7.94
N ASP A 8 6.43 -0.98 -7.71
CA ASP A 8 5.68 -1.18 -6.48
C ASP A 8 4.36 -1.78 -6.96
N ALA A 9 4.27 -3.11 -6.85
CA ALA A 9 3.07 -3.84 -7.27
C ALA A 9 2.16 -4.00 -6.06
N GLY A 10 1.31 -3.01 -5.84
CA GLY A 10 0.44 -3.03 -4.69
C GLY A 10 -1.00 -3.46 -4.90
N GLY A 11 -1.79 -3.37 -3.83
CA GLY A 11 -3.18 -3.76 -3.90
C GLY A 11 -4.05 -2.76 -4.64
N THR A 12 -3.67 -1.49 -4.58
CA THR A 12 -4.44 -0.46 -5.26
C THR A 12 -4.03 -0.35 -6.73
N LYS A 13 -2.74 -0.29 -6.99
CA LYS A 13 -2.23 -0.15 -8.34
C LYS A 13 -0.77 -0.61 -8.42
N THR A 14 -0.23 -0.60 -9.63
CA THR A 14 1.16 -0.96 -9.85
C THR A 14 1.82 0.29 -10.40
N LYS A 15 2.91 0.71 -9.75
CA LYS A 15 3.64 1.91 -10.14
C LYS A 15 5.08 1.54 -10.48
N ALA A 16 5.57 2.04 -11.62
CA ALA A 16 6.94 1.75 -12.03
C ALA A 16 7.68 3.00 -12.47
N VAL A 17 8.98 3.03 -12.18
CA VAL A 17 9.82 4.15 -12.58
C VAL A 17 11.09 3.57 -13.22
N ALA A 18 11.48 4.12 -14.36
CA ALA A 18 12.65 3.65 -15.07
C ALA A 18 13.77 4.67 -15.03
N TYR A 19 15.00 4.17 -14.92
CA TYR A 19 16.21 4.98 -14.86
C TYR A 19 17.27 4.23 -15.66
N ASP A 20 18.35 4.91 -16.05
CA ASP A 20 19.43 4.21 -16.71
C ASP A 20 20.35 3.80 -15.55
N CYS A 21 21.59 3.43 -15.84
CA CYS A 21 22.53 3.01 -14.81
C CYS A 21 23.38 4.18 -14.31
N GLU A 22 23.13 5.36 -14.86
CA GLU A 22 23.86 6.57 -14.49
C GLU A 22 23.02 7.53 -13.65
N GLY A 23 21.94 7.01 -13.05
CA GLY A 23 21.09 7.81 -12.20
C GLY A 23 20.07 8.72 -12.86
N ASN A 24 19.94 8.63 -14.18
CA ASN A 24 19.00 9.47 -14.91
C ASN A 24 17.61 8.87 -15.11
N PHE A 25 16.60 9.69 -14.85
CA PHE A 25 15.21 9.29 -14.97
C PHE A 25 14.82 9.13 -16.45
N ILE A 26 14.17 8.01 -16.75
CA ILE A 26 13.73 7.72 -18.11
C ILE A 26 12.22 7.92 -18.24
N GLY A 27 11.47 7.43 -17.25
CA GLY A 27 10.03 7.58 -17.31
C GLY A 27 9.31 6.79 -16.24
N GLU A 28 7.99 6.98 -16.18
CA GLU A 28 7.18 6.27 -15.21
C GLU A 28 5.95 5.68 -15.89
N GLY A 29 5.36 4.68 -15.25
CA GLY A 29 4.18 4.04 -15.79
C GLY A 29 3.35 3.43 -14.69
N SER A 30 2.05 3.32 -14.91
CA SER A 30 1.14 2.75 -13.92
C SER A 30 0.17 1.78 -14.58
N SER A 31 -0.35 0.86 -13.77
CA SER A 31 -1.31 -0.14 -14.24
C SER A 31 -2.15 -0.59 -13.06
N GLY A 32 -2.95 -1.64 -13.27
CA GLY A 32 -3.79 -2.15 -12.19
C GLY A 32 -3.05 -2.83 -11.06
N PRO A 33 -3.78 -3.37 -10.07
CA PRO A 33 -3.23 -4.06 -8.90
C PRO A 33 -2.19 -5.13 -9.21
N GLY A 34 -1.17 -5.21 -8.36
CA GLY A 34 -0.12 -6.19 -8.53
C GLY A 34 -0.30 -7.33 -7.55
N ASN A 35 -1.33 -7.24 -6.71
CA ASN A 35 -1.63 -8.28 -5.73
C ASN A 35 -2.48 -9.35 -6.42
N TYR A 36 -1.86 -10.50 -6.70
CA TYR A 36 -2.56 -11.57 -7.40
C TYR A 36 -3.75 -12.18 -6.64
N HIS A 37 -3.80 -11.95 -5.34
CA HIS A 37 -4.92 -12.48 -4.55
C HIS A 37 -6.19 -11.71 -4.92
N ASN A 38 -6.01 -10.48 -5.39
CA ASN A 38 -7.14 -9.63 -5.76
C ASN A 38 -7.54 -9.66 -7.23
N VAL A 39 -6.59 -9.90 -8.12
CA VAL A 39 -6.90 -9.92 -9.55
C VAL A 39 -6.47 -11.18 -10.28
N GLY A 40 -5.89 -12.12 -9.55
CA GLY A 40 -5.44 -13.36 -10.18
C GLY A 40 -4.01 -13.22 -10.66
N LEU A 41 -3.30 -14.34 -10.73
CA LEU A 41 -1.90 -14.33 -11.16
C LEU A 41 -1.71 -13.81 -12.60
N THR A 42 -2.55 -14.26 -13.51
CA THR A 42 -2.42 -13.83 -14.90
C THR A 42 -2.48 -12.31 -15.04
N ARG A 43 -3.52 -11.71 -14.48
CA ARG A 43 -3.69 -10.26 -14.55
C ARG A 43 -2.66 -9.48 -13.75
N ALA A 44 -2.27 -9.99 -12.59
CA ALA A 44 -1.27 -9.30 -11.77
C ALA A 44 0.03 -9.15 -12.56
N ILE A 45 0.45 -10.23 -13.21
CA ILE A 45 1.67 -10.20 -14.00
C ILE A 45 1.51 -9.28 -15.20
N GLU A 46 0.34 -9.30 -15.81
CA GLU A 46 0.05 -8.45 -16.96
C GLU A 46 0.18 -6.99 -16.56
N ASN A 47 -0.36 -6.65 -15.39
CA ASN A 47 -0.31 -5.27 -14.90
C ASN A 47 1.12 -4.82 -14.62
N ILE A 48 1.92 -5.72 -14.06
CA ILE A 48 3.31 -5.37 -13.77
C ILE A 48 4.05 -5.17 -15.09
N LYS A 49 3.81 -6.07 -16.05
CA LYS A 49 4.45 -5.96 -17.36
C LYS A 49 4.08 -4.64 -18.02
N GLU A 50 2.80 -4.26 -17.91
CA GLU A 50 2.34 -3.02 -18.52
C GLU A 50 3.00 -1.79 -17.91
N ALA A 51 3.01 -1.73 -16.59
CA ALA A 51 3.63 -0.59 -15.91
C ALA A 51 5.10 -0.48 -16.30
N VAL A 52 5.79 -1.62 -16.35
CA VAL A 52 7.21 -1.65 -16.71
C VAL A 52 7.43 -1.18 -18.13
N LYS A 53 6.62 -1.70 -19.05
CA LYS A 53 6.73 -1.35 -20.47
C LYS A 53 6.54 0.16 -20.68
N ILE A 54 5.56 0.73 -20.00
CA ILE A 54 5.27 2.15 -20.11
C ILE A 54 6.41 3.02 -19.58
N ALA A 55 6.91 2.67 -18.40
CA ALA A 55 7.99 3.43 -17.79
C ALA A 55 9.29 3.36 -18.58
N ALA A 56 9.62 2.17 -19.08
CA ALA A 56 10.84 1.96 -19.84
C ALA A 56 10.68 2.36 -21.30
N LYS A 57 9.45 2.59 -21.73
CA LYS A 57 9.17 2.96 -23.11
C LYS A 57 9.62 1.79 -23.99
N GLY A 58 9.44 0.57 -23.49
CA GLY A 58 9.84 -0.61 -24.21
C GLY A 58 10.35 -1.69 -23.28
N GLU A 59 11.33 -2.46 -23.74
CA GLU A 59 11.90 -3.52 -22.93
C GLU A 59 12.87 -2.97 -21.90
N ALA A 60 12.97 -3.66 -20.76
CA ALA A 60 13.86 -3.25 -19.69
C ALA A 60 14.95 -4.31 -19.53
N ASP A 61 16.11 -3.89 -19.03
CA ASP A 61 17.22 -4.81 -18.79
C ASP A 61 17.14 -5.43 -17.41
N VAL A 62 16.74 -4.61 -16.43
CA VAL A 62 16.63 -5.08 -15.06
C VAL A 62 15.34 -4.54 -14.45
N VAL A 63 14.64 -5.40 -13.72
CA VAL A 63 13.41 -4.99 -13.06
C VAL A 63 13.44 -5.43 -11.60
N GLY A 64 13.25 -4.45 -10.71
CA GLY A 64 13.21 -4.74 -9.29
C GLY A 64 11.79 -4.49 -8.87
N MET A 65 11.22 -5.35 -8.03
CA MET A 65 9.83 -5.13 -7.62
C MET A 65 9.48 -5.52 -6.19
N GLY A 66 8.65 -4.67 -5.56
CA GLY A 66 8.15 -4.92 -4.22
C GLY A 66 6.74 -5.37 -4.52
N VAL A 67 6.32 -6.50 -3.96
CA VAL A 67 5.00 -7.05 -4.27
C VAL A 67 4.08 -7.31 -3.09
N ALA A 68 2.85 -6.83 -3.19
CA ALA A 68 1.85 -7.06 -2.15
C ALA A 68 1.24 -8.44 -2.42
N GLY A 69 0.98 -9.20 -1.36
CA GLY A 69 0.37 -10.50 -1.56
C GLY A 69 1.27 -11.72 -1.43
N LEU A 70 2.58 -11.50 -1.35
CA LEU A 70 3.51 -12.63 -1.20
C LEU A 70 3.51 -12.86 0.31
N ASP A 71 2.49 -13.57 0.77
CA ASP A 71 2.28 -13.81 2.19
C ASP A 71 2.52 -15.21 2.71
N SER A 72 2.94 -16.11 1.83
CA SER A 72 3.21 -17.49 2.21
C SER A 72 4.21 -18.07 1.22
N LYS A 73 4.81 -19.19 1.57
CA LYS A 73 5.78 -19.83 0.68
C LYS A 73 5.07 -20.17 -0.63
N PHE A 74 3.82 -20.59 -0.52
CA PHE A 74 3.01 -20.93 -1.68
C PHE A 74 2.88 -19.75 -2.64
N ASP A 75 2.66 -18.57 -2.08
CA ASP A 75 2.53 -17.36 -2.89
C ASP A 75 3.79 -17.10 -3.70
N TRP A 76 4.94 -17.20 -3.02
CA TRP A 76 6.23 -16.96 -3.66
C TRP A 76 6.57 -17.91 -4.80
N GLU A 77 6.34 -19.21 -4.58
CA GLU A 77 6.69 -20.21 -5.59
C GLU A 77 5.88 -20.14 -6.87
N ASN A 78 4.69 -19.56 -6.81
CA ASN A 78 3.86 -19.44 -8.00
C ASN A 78 4.06 -18.09 -8.69
N PHE A 79 4.48 -17.09 -7.93
CA PHE A 79 4.69 -15.76 -8.48
C PHE A 79 6.07 -15.58 -9.13
N THR A 80 7.11 -16.04 -8.44
CA THR A 80 8.49 -15.91 -8.92
C THR A 80 8.78 -16.33 -10.36
N PRO A 81 8.38 -17.55 -10.75
CA PRO A 81 8.61 -18.03 -12.11
C PRO A 81 8.10 -17.11 -13.20
N LEU A 82 6.84 -16.68 -13.06
CA LEU A 82 6.24 -15.79 -14.04
C LEU A 82 6.90 -14.42 -14.05
N ALA A 83 7.12 -13.85 -12.87
CA ALA A 83 7.73 -12.53 -12.77
C ALA A 83 9.13 -12.48 -13.38
N SER A 84 9.81 -13.61 -13.42
CA SER A 84 11.16 -13.68 -13.98
C SER A 84 11.20 -13.60 -15.50
N LEU A 85 10.05 -13.77 -16.14
CA LEU A 85 9.97 -13.72 -17.60
C LEU A 85 9.83 -12.29 -18.12
N ILE A 86 9.68 -11.35 -17.19
CA ILE A 86 9.50 -9.95 -17.55
C ILE A 86 10.75 -9.26 -18.10
N ALA A 87 11.93 -9.65 -17.60
CA ALA A 87 13.17 -9.06 -18.06
C ALA A 87 14.35 -10.01 -17.83
N PRO A 88 15.48 -9.76 -18.51
CA PRO A 88 16.66 -10.61 -18.35
C PRO A 88 17.05 -10.82 -16.88
N LYS A 89 16.96 -9.74 -16.11
CA LYS A 89 17.29 -9.79 -14.69
C LYS A 89 16.11 -9.22 -13.90
N VAL A 90 15.59 -10.01 -12.96
CA VAL A 90 14.46 -9.58 -12.15
C VAL A 90 14.70 -9.85 -10.68
N ILE A 91 14.45 -8.84 -9.85
CA ILE A 91 14.63 -8.96 -8.40
C ILE A 91 13.24 -8.82 -7.79
N ILE A 92 12.87 -9.76 -6.93
CA ILE A 92 11.54 -9.74 -6.31
C ILE A 92 11.60 -9.79 -4.78
N GLN A 93 10.84 -8.89 -4.15
CA GLN A 93 10.75 -8.84 -2.70
C GLN A 93 9.33 -8.47 -2.29
N HIS A 94 9.01 -8.71 -1.03
CA HIS A 94 7.69 -8.36 -0.50
C HIS A 94 7.65 -6.83 -0.52
N ASP A 95 6.47 -6.24 -0.71
CA ASP A 95 6.42 -4.78 -0.77
C ASP A 95 6.88 -4.06 0.50
N GLY A 96 6.65 -4.67 1.66
CA GLY A 96 7.08 -4.05 2.90
C GLY A 96 8.58 -3.96 2.99
N VAL A 97 9.25 -4.99 2.49
CA VAL A 97 10.70 -5.04 2.48
C VAL A 97 11.26 -3.90 1.63
N ILE A 98 10.72 -3.74 0.43
CA ILE A 98 11.18 -2.69 -0.47
C ILE A 98 10.87 -1.29 0.04
N ALA A 99 9.68 -1.11 0.60
CA ALA A 99 9.28 0.19 1.12
C ALA A 99 10.24 0.61 2.23
N LEU A 100 10.60 -0.34 3.09
CA LEU A 100 11.52 -0.04 4.20
C LEU A 100 12.94 0.21 3.67
N PHE A 101 13.40 -0.65 2.77
CA PHE A 101 14.74 -0.50 2.23
C PHE A 101 14.89 0.86 1.55
N ALA A 102 13.85 1.30 0.85
CA ALA A 102 13.89 2.58 0.15
C ALA A 102 14.34 3.70 1.06
N GLU A 103 13.91 3.65 2.32
CA GLU A 103 14.25 4.69 3.27
C GLU A 103 15.49 4.45 4.13
N THR A 104 15.59 3.31 4.79
CA THR A 104 16.74 3.07 5.65
C THR A 104 18.00 2.56 4.95
N LEU A 105 17.84 2.15 3.70
CA LEU A 105 18.96 1.70 2.88
C LEU A 105 19.95 0.74 3.55
N GLY A 106 19.42 -0.30 4.19
CA GLY A 106 20.27 -1.28 4.83
C GLY A 106 20.36 -1.18 6.34
N GLU A 107 19.88 -0.08 6.90
CA GLU A 107 19.94 0.11 8.35
C GLU A 107 18.63 -0.29 9.02
N PRO A 108 18.66 -0.51 10.34
CA PRO A 108 17.46 -0.90 11.08
C PRO A 108 16.39 0.20 10.99
N GLY A 109 15.13 -0.22 11.04
CA GLY A 109 14.03 0.73 10.96
C GLY A 109 12.68 0.04 10.82
N VAL A 110 11.63 0.85 10.77
CA VAL A 110 10.27 0.34 10.63
C VAL A 110 9.48 1.21 9.67
N VAL A 111 8.70 0.56 8.81
CA VAL A 111 7.87 1.27 7.85
C VAL A 111 6.45 0.73 7.92
N VAL A 112 5.49 1.58 7.58
CA VAL A 112 4.10 1.18 7.57
C VAL A 112 3.59 1.43 6.16
N ILE A 113 2.86 0.47 5.61
CA ILE A 113 2.25 0.65 4.31
C ILE A 113 0.76 0.59 4.60
N ALA A 114 0.05 1.64 4.24
CA ALA A 114 -1.41 1.66 4.43
C ALA A 114 -2.02 2.06 3.10
N GLY A 115 -2.48 1.05 2.37
CA GLY A 115 -3.11 1.26 1.08
C GLY A 115 -4.38 0.42 1.02
N THR A 116 -4.55 -0.38 -0.02
CA THR A 116 -5.74 -1.23 -0.10
C THR A 116 -5.65 -2.24 1.04
N GLY A 117 -4.42 -2.66 1.33
CA GLY A 117 -4.14 -3.56 2.43
C GLY A 117 -3.13 -2.81 3.29
N SER A 118 -2.63 -3.42 4.36
CA SER A 118 -1.63 -2.75 5.18
C SER A 118 -0.63 -3.72 5.75
N VAL A 119 0.50 -3.17 6.19
CA VAL A 119 1.55 -4.00 6.79
C VAL A 119 2.55 -3.12 7.52
N VAL A 120 3.20 -3.72 8.51
CA VAL A 120 4.25 -3.03 9.27
C VAL A 120 5.46 -3.93 9.07
N GLU A 121 6.52 -3.37 8.52
CA GLU A 121 7.74 -4.12 8.26
C GLU A 121 8.92 -3.48 8.95
N GLY A 122 9.78 -4.31 9.54
CA GLY A 122 10.94 -3.80 10.22
C GLY A 122 12.19 -4.58 9.89
N TYR A 123 13.34 -4.03 10.27
CA TYR A 123 14.62 -4.70 10.05
C TYR A 123 15.43 -4.48 11.33
N ASN A 124 15.95 -5.55 11.91
CA ASN A 124 16.71 -5.44 13.14
C ASN A 124 18.22 -5.51 12.96
N GLY A 125 18.68 -5.36 11.72
CA GLY A 125 20.11 -5.42 11.45
C GLY A 125 20.52 -6.78 10.94
N LYS A 126 19.69 -7.78 11.18
CA LYS A 126 19.98 -9.14 10.73
C LYS A 126 18.90 -9.69 9.80
N GLU A 127 17.64 -9.44 10.13
CA GLU A 127 16.55 -9.92 9.29
C GLU A 127 15.34 -9.00 9.28
N PHE A 128 14.44 -9.23 8.33
CA PHE A 128 13.22 -8.46 8.20
C PHE A 128 12.13 -9.11 9.04
N LEU A 129 11.33 -8.28 9.71
CA LEU A 129 10.24 -8.75 10.55
C LEU A 129 8.94 -8.15 10.04
N ARG A 130 7.88 -8.95 10.02
CA ARG A 130 6.59 -8.45 9.54
C ARG A 130 5.50 -8.60 10.61
N VAL A 131 4.61 -7.61 10.65
CA VAL A 131 3.48 -7.63 11.57
C VAL A 131 2.29 -7.33 10.67
N GLY A 132 1.26 -8.18 10.72
CA GLY A 132 0.10 -7.97 9.87
C GLY A 132 0.46 -8.29 8.42
N GLY A 133 -0.20 -7.60 7.48
CA GLY A 133 0.10 -7.84 6.07
C GLY A 133 -0.21 -9.23 5.57
N ARG A 134 -1.35 -9.78 5.98
CA ARG A 134 -1.75 -11.12 5.54
C ARG A 134 -3.15 -11.15 4.94
N GLY A 135 -3.55 -10.08 4.25
CA GLY A 135 -4.86 -10.10 3.61
C GLY A 135 -6.01 -9.43 4.33
N TRP A 136 -7.09 -9.22 3.59
CA TRP A 136 -8.27 -8.53 4.12
C TRP A 136 -9.05 -9.23 5.23
N LEU A 137 -9.14 -10.56 5.19
CA LEU A 137 -9.90 -11.27 6.21
C LEU A 137 -9.14 -11.39 7.53
N LEU A 138 -7.89 -11.83 7.43
CA LEU A 138 -7.05 -12.04 8.61
C LEU A 138 -6.45 -10.78 9.19
N SER A 139 -6.18 -9.79 8.34
CA SER A 139 -5.52 -8.58 8.81
C SER A 139 -5.91 -7.29 8.11
N ASP A 140 -4.90 -6.56 7.68
CA ASP A 140 -5.08 -5.27 7.01
C ASP A 140 -5.82 -4.22 7.83
N ASP A 141 -5.49 -4.13 9.12
CA ASP A 141 -6.10 -3.12 9.99
C ASP A 141 -5.78 -1.75 9.39
N GLY A 142 -6.73 -0.82 9.47
CA GLY A 142 -6.49 0.53 8.99
C GLY A 142 -6.19 0.71 7.52
N SER A 143 -6.51 -0.29 6.71
CA SER A 143 -6.31 -0.21 5.28
C SER A 143 -7.57 0.37 4.66
N ALA A 144 -7.51 0.64 3.35
CA ALA A 144 -8.69 1.19 2.67
C ALA A 144 -9.83 0.18 2.72
N TYR A 145 -9.51 -1.11 2.60
CA TYR A 145 -10.55 -2.14 2.66
C TYR A 145 -11.21 -2.12 4.03
N TRP A 146 -10.37 -2.07 5.07
CA TRP A 146 -10.84 -2.05 6.45
C TRP A 146 -11.78 -0.86 6.69
N VAL A 147 -11.37 0.31 6.21
CA VAL A 147 -12.16 1.53 6.36
C VAL A 147 -13.46 1.41 5.57
N GLY A 148 -13.37 0.90 4.35
CA GLY A 148 -14.56 0.76 3.53
C GLY A 148 -15.59 -0.16 4.17
N ARG A 149 -15.14 -1.27 4.74
CA ARG A 149 -16.05 -2.20 5.39
C ARG A 149 -16.72 -1.55 6.59
N LYS A 150 -15.95 -0.83 7.39
CA LYS A 150 -16.51 -0.17 8.57
C LYS A 150 -17.58 0.82 8.16
N ALA A 151 -17.34 1.56 7.08
CA ALA A 151 -18.31 2.54 6.58
C ALA A 151 -19.60 1.87 6.13
N LEU A 152 -19.48 0.78 5.37
CA LEU A 152 -20.65 0.06 4.89
C LEU A 152 -21.51 -0.42 6.05
N ARG A 153 -20.86 -0.97 7.08
CA ARG A 153 -21.59 -1.49 8.23
C ARG A 153 -22.27 -0.35 9.00
N LYS A 154 -21.62 0.82 9.04
CA LYS A 154 -22.20 1.97 9.74
C LYS A 154 -23.41 2.49 8.96
N VAL A 155 -23.29 2.55 7.63
CA VAL A 155 -24.39 3.01 6.79
C VAL A 155 -25.64 2.16 6.99
N LEU A 156 -25.48 0.84 7.10
CA LEU A 156 -26.64 -0.01 7.30
C LEU A 156 -27.32 0.32 8.63
N LYS A 157 -26.53 0.56 9.67
CA LYS A 157 -27.12 0.88 10.97
C LYS A 157 -27.86 2.22 10.90
N MET A 158 -27.41 3.11 10.01
CA MET A 158 -28.09 4.39 9.86
C MET A 158 -29.43 4.13 9.17
N MET A 159 -29.41 3.25 8.16
CA MET A 159 -30.65 2.92 7.45
C MET A 159 -31.63 2.25 8.39
N ASP A 160 -31.12 1.42 9.29
CA ASP A 160 -31.97 0.71 10.25
C ASP A 160 -32.53 1.64 11.32
N GLY A 161 -31.99 2.86 11.40
CA GLY A 161 -32.47 3.80 12.40
C GLY A 161 -31.76 3.72 13.74
N LEU A 162 -30.73 2.88 13.81
CA LEU A 162 -29.97 2.71 15.05
C LEU A 162 -29.16 3.96 15.38
N GLU A 163 -28.72 4.66 14.35
CA GLU A 163 -27.93 5.87 14.52
C GLU A 163 -28.38 6.92 13.51
N ASN A 164 -28.15 8.19 13.84
CA ASN A 164 -28.53 9.28 12.96
C ASN A 164 -27.70 9.27 11.68
N LYS A 165 -28.33 9.63 10.58
CA LYS A 165 -27.62 9.68 9.31
C LYS A 165 -26.75 10.94 9.29
N THR A 166 -25.48 10.77 8.95
CA THR A 166 -24.54 11.88 8.91
C THR A 166 -24.09 12.11 7.48
N ILE A 167 -23.15 13.04 7.31
CA ILE A 167 -22.61 13.37 6.00
C ILE A 167 -22.12 12.10 5.30
N LEU A 168 -21.49 11.23 6.08
CA LEU A 168 -20.96 9.97 5.57
C LEU A 168 -22.00 9.17 4.78
N TYR A 169 -23.23 9.18 5.28
CA TYR A 169 -24.32 8.45 4.67
C TYR A 169 -24.46 8.69 3.17
N ASN A 170 -24.64 9.93 2.77
CA ASN A 170 -24.80 10.21 1.35
C ASN A 170 -23.51 10.06 0.56
N LYS A 171 -22.37 10.30 1.20
CA LYS A 171 -21.08 10.15 0.54
C LYS A 171 -20.94 8.72 0.08
N VAL A 172 -21.28 7.78 0.97
CA VAL A 172 -21.17 6.37 0.65
C VAL A 172 -22.18 5.95 -0.43
N LEU A 173 -23.45 6.31 -0.25
CA LEU A 173 -24.47 5.96 -1.23
C LEU A 173 -24.12 6.44 -2.63
N LYS A 174 -23.55 7.63 -2.73
CA LYS A 174 -23.17 8.18 -4.03
C LYS A 174 -21.99 7.43 -4.63
N THR A 175 -21.01 7.12 -3.80
CA THR A 175 -19.82 6.41 -4.26
C THR A 175 -20.14 5.07 -4.93
N ILE A 176 -21.05 4.31 -4.33
CA ILE A 176 -21.42 3.01 -4.88
C ILE A 176 -22.75 3.06 -5.63
N ASN A 177 -23.28 4.26 -5.81
CA ASN A 177 -24.53 4.47 -6.52
C ASN A 177 -25.67 3.59 -6.02
N VAL A 178 -26.04 3.78 -4.75
CA VAL A 178 -27.12 3.03 -4.14
C VAL A 178 -28.06 4.05 -3.51
N LYS A 179 -29.37 3.81 -3.59
CA LYS A 179 -30.32 4.77 -3.04
C LYS A 179 -31.09 4.31 -1.81
N ASP A 180 -31.10 3.01 -1.52
CA ASP A 180 -31.80 2.52 -0.34
C ASP A 180 -31.24 1.20 0.16
N LEU A 181 -31.83 0.69 1.24
CA LEU A 181 -31.37 -0.56 1.84
C LEU A 181 -31.39 -1.71 0.84
N ASP A 182 -32.49 -1.82 0.09
CA ASP A 182 -32.61 -2.89 -0.88
C ASP A 182 -31.45 -2.91 -1.89
N GLU A 183 -31.10 -1.73 -2.42
CA GLU A 183 -30.01 -1.66 -3.38
C GLU A 183 -28.65 -1.92 -2.73
N LEU A 184 -28.51 -1.52 -1.48
CA LEU A 184 -27.25 -1.74 -0.76
C LEU A 184 -27.02 -3.23 -0.59
N VAL A 185 -28.09 -3.95 -0.29
CA VAL A 185 -28.02 -5.40 -0.10
C VAL A 185 -27.58 -6.08 -1.39
N MET A 186 -28.20 -5.70 -2.51
CA MET A 186 -27.84 -6.28 -3.79
C MET A 186 -26.38 -5.97 -4.11
N TRP A 187 -25.97 -4.73 -3.88
CA TRP A 187 -24.59 -4.32 -4.14
C TRP A 187 -23.64 -5.20 -3.33
N SER A 188 -23.97 -5.39 -2.06
CA SER A 188 -23.14 -6.19 -1.17
C SER A 188 -22.97 -7.62 -1.65
N TYR A 189 -24.08 -8.25 -2.05
CA TYR A 189 -24.02 -9.63 -2.51
C TYR A 189 -23.27 -9.86 -3.81
N THR A 190 -23.13 -8.83 -4.64
CA THR A 190 -22.39 -8.99 -5.89
C THR A 190 -21.04 -8.29 -5.81
N SER A 191 -20.82 -7.56 -4.72
CA SER A 191 -19.56 -6.84 -4.53
C SER A 191 -18.82 -7.33 -3.29
N SER A 192 -19.48 -8.18 -2.50
CA SER A 192 -18.92 -8.73 -1.28
C SER A 192 -17.47 -9.20 -1.34
N CYS A 193 -17.11 -9.93 -2.39
CA CYS A 193 -15.75 -10.45 -2.50
C CYS A 193 -14.83 -9.68 -3.44
N GLN A 194 -15.24 -8.50 -3.85
CA GLN A 194 -14.41 -7.67 -4.73
C GLN A 194 -13.74 -6.63 -3.83
N ILE A 195 -12.54 -6.95 -3.35
CA ILE A 195 -11.80 -6.06 -2.47
C ILE A 195 -11.73 -4.61 -2.92
N ASP A 196 -11.51 -4.39 -4.22
CA ASP A 196 -11.41 -3.03 -4.74
C ASP A 196 -12.68 -2.20 -4.54
N LEU A 197 -13.84 -2.82 -4.69
CA LEU A 197 -15.10 -2.09 -4.54
C LEU A 197 -15.31 -1.66 -3.09
N VAL A 198 -14.94 -2.52 -2.14
CA VAL A 198 -15.08 -2.17 -0.74
C VAL A 198 -14.05 -1.09 -0.39
N ALA A 199 -12.83 -1.29 -0.84
CA ALA A 199 -11.76 -0.33 -0.57
C ALA A 199 -12.04 1.06 -1.14
N SER A 200 -12.75 1.12 -2.26
CA SER A 200 -13.05 2.39 -2.91
C SER A 200 -13.88 3.30 -2.00
N ILE A 201 -14.58 2.71 -1.05
CA ILE A 201 -15.42 3.47 -0.13
C ILE A 201 -14.59 4.32 0.83
N ALA A 202 -13.31 4.01 0.99
CA ALA A 202 -12.47 4.79 1.89
C ALA A 202 -12.44 6.26 1.46
N LYS A 203 -12.57 6.52 0.17
CA LYS A 203 -12.56 7.90 -0.33
C LYS A 203 -13.75 8.68 0.23
N ALA A 204 -14.90 8.01 0.33
CA ALA A 204 -16.12 8.63 0.86
C ALA A 204 -15.94 8.97 2.33
N VAL A 205 -15.26 8.09 3.05
CA VAL A 205 -15.02 8.32 4.47
C VAL A 205 -14.13 9.55 4.63
N ASP A 206 -13.09 9.64 3.81
CA ASP A 206 -12.18 10.77 3.87
C ASP A 206 -12.91 12.07 3.57
N GLU A 207 -13.75 12.06 2.54
CA GLU A 207 -14.50 13.25 2.18
C GLU A 207 -15.41 13.69 3.32
N ALA A 208 -16.12 12.74 3.92
CA ALA A 208 -17.03 13.05 5.02
C ALA A 208 -16.24 13.57 6.22
N ALA A 209 -15.08 12.98 6.48
CA ALA A 209 -14.25 13.41 7.60
C ALA A 209 -13.77 14.85 7.40
N ASN A 210 -13.33 15.17 6.19
CA ASN A 210 -12.85 16.52 5.91
C ASN A 210 -13.93 17.57 6.11
N GLU A 211 -15.18 17.13 6.04
CA GLU A 211 -16.31 18.03 6.23
C GLU A 211 -16.80 18.08 7.67
N GLY A 212 -16.03 17.49 8.57
CA GLY A 212 -16.37 17.51 9.98
C GLY A 212 -17.32 16.46 10.53
N ASP A 213 -17.50 15.36 9.81
CA ASP A 213 -18.38 14.31 10.29
C ASP A 213 -17.62 13.43 11.28
N THR A 214 -17.96 13.54 12.56
CA THR A 214 -17.30 12.76 13.59
C THR A 214 -17.42 11.25 13.40
N VAL A 215 -18.49 10.80 12.75
CA VAL A 215 -18.66 9.37 12.53
C VAL A 215 -17.58 8.87 11.57
N ALA A 216 -17.34 9.63 10.51
CA ALA A 216 -16.32 9.28 9.53
C ALA A 216 -14.94 9.39 10.19
N MET A 217 -14.78 10.43 10.99
CA MET A 217 -13.51 10.64 11.67
C MET A 217 -13.21 9.47 12.61
N ASP A 218 -14.25 9.00 13.31
CA ASP A 218 -14.08 7.87 14.23
C ASP A 218 -13.56 6.63 13.51
N ILE A 219 -14.04 6.40 12.30
CA ILE A 219 -13.58 5.24 11.53
C ILE A 219 -12.11 5.36 11.20
N LEU A 220 -11.70 6.54 10.74
CA LEU A 220 -10.30 6.77 10.40
C LEU A 220 -9.43 6.68 11.64
N LYS A 221 -9.92 7.21 12.76
CA LYS A 221 -9.15 7.16 13.99
C LYS A 221 -8.94 5.73 14.46
N GLN A 222 -10.02 4.94 14.49
CA GLN A 222 -9.89 3.56 14.95
C GLN A 222 -8.92 2.77 14.07
N GLY A 223 -9.04 2.94 12.76
CA GLY A 223 -8.17 2.22 11.84
C GLY A 223 -6.71 2.63 11.96
N ALA A 224 -6.47 3.93 12.03
CA ALA A 224 -5.11 4.44 12.15
C ALA A 224 -4.46 3.96 13.45
N GLU A 225 -5.20 4.01 14.55
CA GLU A 225 -4.63 3.60 15.83
C GLU A 225 -4.40 2.09 15.91
N LEU A 226 -5.26 1.30 15.28
CA LEU A 226 -5.06 -0.15 15.30
C LEU A 226 -3.76 -0.48 14.59
N LEU A 227 -3.51 0.18 13.47
CA LEU A 227 -2.30 -0.06 12.71
C LEU A 227 -1.10 0.60 13.39
N ALA A 228 -1.30 1.80 13.91
CA ALA A 228 -0.22 2.52 14.58
C ALA A 228 0.27 1.76 15.80
N SER A 229 -0.64 1.08 16.49
CA SER A 229 -0.24 0.32 17.67
C SER A 229 0.73 -0.78 17.28
N GLN A 230 0.54 -1.36 16.08
CA GLN A 230 1.43 -2.40 15.61
C GLN A 230 2.79 -1.82 15.25
N ALA A 231 2.79 -0.60 14.72
CA ALA A 231 4.03 0.07 14.36
C ALA A 231 4.83 0.40 15.62
N VAL A 232 4.13 0.83 16.68
CA VAL A 232 4.79 1.17 17.94
C VAL A 232 5.43 -0.09 18.52
N TYR A 233 4.70 -1.20 18.45
CA TYR A 233 5.20 -2.47 18.94
C TYR A 233 6.50 -2.85 18.25
N LEU A 234 6.51 -2.78 16.92
CA LEU A 234 7.70 -3.17 16.17
C LEU A 234 8.84 -2.17 16.34
N ALA A 235 8.53 -0.88 16.42
CA ALA A 235 9.57 0.13 16.60
C ALA A 235 10.30 -0.11 17.92
N ARG A 236 9.54 -0.40 18.98
CA ARG A 236 10.13 -0.65 20.29
C ARG A 236 10.95 -1.94 20.29
N LYS A 237 10.45 -2.95 19.59
CA LYS A 237 11.16 -4.23 19.50
C LYS A 237 12.50 -4.07 18.80
N ILE A 238 12.51 -3.35 17.69
CA ILE A 238 13.72 -3.13 16.91
C ILE A 238 14.64 -2.10 17.56
N GLY A 239 14.07 -1.19 18.33
CA GLY A 239 14.86 -0.19 19.01
C GLY A 239 14.99 1.12 18.27
N THR A 240 14.03 1.44 17.39
CA THR A 240 14.07 2.68 16.64
C THR A 240 13.04 3.66 17.20
N ASN A 241 13.34 4.95 17.14
CA ASN A 241 12.42 5.96 17.65
C ASN A 241 11.59 6.61 16.55
N LYS A 242 11.68 6.09 15.33
CA LYS A 242 10.90 6.64 14.23
C LYS A 242 10.31 5.56 13.35
N VAL A 243 9.21 5.90 12.69
CA VAL A 243 8.51 4.99 11.77
C VAL A 243 8.18 5.73 10.48
N TYR A 244 8.46 5.11 9.34
CA TYR A 244 8.17 5.74 8.06
C TYR A 244 6.75 5.36 7.64
N LEU A 245 6.05 6.30 7.02
CA LEU A 245 4.67 6.09 6.61
C LEU A 245 4.51 6.18 5.08
N LYS A 246 4.00 5.10 4.49
CA LYS A 246 3.81 5.04 3.03
C LYS A 246 2.43 4.49 2.69
N GLY A 247 1.90 4.88 1.54
CA GLY A 247 0.60 4.36 1.13
C GLY A 247 -0.49 5.40 0.93
N GLY A 248 -1.47 5.02 0.11
CA GLY A 248 -2.57 5.91 -0.21
C GLY A 248 -3.41 6.38 0.97
N MET A 249 -3.47 5.60 2.04
CA MET A 249 -4.27 6.03 3.19
C MET A 249 -3.67 7.28 3.84
N PHE A 250 -2.37 7.48 3.69
CA PHE A 250 -1.77 8.66 4.30
C PHE A 250 -2.04 9.93 3.52
N ARG A 251 -2.75 9.78 2.40
CA ARG A 251 -3.15 10.94 1.60
C ARG A 251 -4.41 11.50 2.27
N SER A 252 -4.94 10.75 3.23
CA SER A 252 -6.11 11.21 3.98
C SER A 252 -5.47 12.03 5.10
N ASN A 253 -5.65 13.34 5.07
CA ASN A 253 -5.04 14.20 6.07
C ASN A 253 -5.45 13.85 7.50
N ILE A 254 -6.72 13.53 7.70
CA ILE A 254 -7.21 13.19 9.03
C ILE A 254 -6.65 11.83 9.48
N TYR A 255 -6.60 10.86 8.57
CA TYR A 255 -6.05 9.56 8.92
C TYR A 255 -4.59 9.74 9.35
N HIS A 256 -3.85 10.49 8.55
CA HIS A 256 -2.44 10.74 8.83
C HIS A 256 -2.29 11.41 10.20
N LYS A 257 -3.13 12.40 10.47
CA LYS A 257 -3.07 13.13 11.74
C LYS A 257 -3.31 12.19 12.93
N PHE A 258 -4.32 11.35 12.84
CA PHE A 258 -4.61 10.42 13.92
C PHE A 258 -3.45 9.44 14.11
N PHE A 259 -2.85 9.03 12.99
CA PHE A 259 -1.73 8.10 13.03
C PHE A 259 -0.53 8.72 13.72
N THR A 260 -0.18 9.95 13.32
CA THR A 260 0.97 10.63 13.90
C THR A 260 0.75 10.99 15.37
N LEU A 261 -0.47 11.39 15.72
CA LEU A 261 -0.79 11.73 17.10
C LEU A 261 -0.58 10.52 18.00
N TYR A 262 -1.00 9.35 17.54
CA TYR A 262 -0.85 8.14 18.32
C TYR A 262 0.62 7.80 18.49
N LEU A 263 1.38 7.83 17.40
CA LEU A 263 2.81 7.53 17.46
C LEU A 263 3.51 8.48 18.44
N GLU A 264 3.22 9.76 18.30
CA GLU A 264 3.84 10.79 19.14
C GLU A 264 3.54 10.62 20.62
N LYS A 265 2.31 10.23 20.95
CA LYS A 265 1.96 10.04 22.35
C LYS A 265 2.71 8.83 22.90
N GLU A 266 3.15 7.95 22.00
CA GLU A 266 3.89 6.77 22.40
C GLU A 266 5.40 6.95 22.25
N GLY A 267 5.81 8.21 22.05
CA GLY A 267 7.23 8.53 21.93
C GLY A 267 7.91 8.19 20.61
N ILE A 268 7.11 8.02 19.56
CA ILE A 268 7.65 7.69 18.24
C ILE A 268 7.47 8.82 17.24
N ILE A 269 8.50 9.08 16.45
CA ILE A 269 8.48 10.13 15.43
C ILE A 269 8.01 9.53 14.11
N SER A 270 7.13 10.24 13.40
CA SER A 270 6.64 9.77 12.11
C SER A 270 7.33 10.54 11.01
N ASP A 271 7.49 9.91 9.86
CA ASP A 271 8.15 10.55 8.72
C ASP A 271 7.58 9.97 7.43
N LEU A 272 7.03 10.83 6.57
CA LEU A 272 6.48 10.37 5.30
C LEU A 272 7.63 9.95 4.40
N GLY A 273 8.81 10.53 4.63
CA GLY A 273 9.99 10.18 3.87
C GLY A 273 10.09 10.80 2.48
N LYS A 274 11.28 10.70 1.91
CA LYS A 274 11.58 11.26 0.59
C LYS A 274 11.68 10.21 -0.51
N ARG A 275 11.72 8.94 -0.13
CA ARG A 275 11.89 7.88 -1.12
C ARG A 275 10.73 6.89 -1.23
N SER A 276 10.18 6.79 -2.42
CA SER A 276 9.06 5.91 -2.70
C SER A 276 9.50 4.44 -2.74
N PRO A 277 8.55 3.52 -2.61
CA PRO A 277 8.92 2.11 -2.66
C PRO A 277 9.53 1.76 -4.02
N GLU A 278 8.96 2.32 -5.09
CA GLU A 278 9.46 2.02 -6.43
C GLU A 278 10.90 2.49 -6.64
N ILE A 279 11.29 3.63 -6.06
CA ILE A 279 12.67 4.05 -6.23
C ILE A 279 13.53 3.16 -5.33
N GLY A 280 12.93 2.62 -4.28
CA GLY A 280 13.65 1.71 -3.41
C GLY A 280 14.02 0.47 -4.22
N ALA A 281 13.12 0.06 -5.10
CA ALA A 281 13.36 -1.09 -5.96
C ALA A 281 14.45 -0.79 -6.98
N VAL A 282 14.51 0.46 -7.43
CA VAL A 282 15.54 0.86 -8.39
C VAL A 282 16.89 0.76 -7.68
N ILE A 283 16.94 1.26 -6.45
CA ILE A 283 18.15 1.23 -5.66
C ILE A 283 18.63 -0.20 -5.42
N LEU A 284 17.70 -1.11 -5.11
CA LEU A 284 18.06 -2.50 -4.88
C LEU A 284 18.61 -3.10 -6.18
N ALA A 285 18.00 -2.74 -7.30
CA ALA A 285 18.46 -3.23 -8.60
C ALA A 285 19.85 -2.70 -8.89
N TYR A 286 20.09 -1.44 -8.56
CA TYR A 286 21.41 -0.83 -8.77
C TYR A 286 22.46 -1.67 -8.04
N LYS A 287 22.18 -2.01 -6.78
CA LYS A 287 23.09 -2.81 -5.96
C LYS A 287 23.34 -4.18 -6.58
N GLU A 288 22.28 -4.78 -7.10
CA GLU A 288 22.35 -6.10 -7.71
C GLU A 288 23.25 -6.14 -8.94
N VAL A 289 23.12 -5.16 -9.82
CA VAL A 289 23.91 -5.12 -11.05
C VAL A 289 25.15 -4.24 -11.03
N GLY A 290 25.38 -3.54 -9.92
CA GLY A 290 26.57 -2.72 -9.83
C GLY A 290 26.51 -1.28 -10.32
N CYS A 291 25.35 -0.65 -10.28
CA CYS A 291 25.24 0.75 -10.70
C CYS A 291 25.36 1.61 -9.44
N ASP A 292 26.04 2.74 -9.55
CA ASP A 292 26.27 3.63 -8.41
C ASP A 292 25.03 4.38 -7.94
N ILE A 293 24.51 4.00 -6.79
CA ILE A 293 23.32 4.61 -6.22
C ILE A 293 23.43 6.12 -6.04
N LYS A 294 24.61 6.62 -5.69
CA LYS A 294 24.77 8.06 -5.50
C LYS A 294 24.50 8.89 -6.75
N LYS A 295 24.54 8.26 -7.92
CA LYS A 295 24.27 8.98 -9.17
C LYS A 295 22.80 9.40 -9.29
N LEU A 296 21.95 8.83 -8.45
CA LEU A 296 20.53 9.18 -8.46
C LEU A 296 20.28 10.53 -7.80
N ILE A 297 21.27 11.04 -7.07
CA ILE A 297 21.14 12.33 -6.39
C ILE A 297 20.90 13.44 -7.43
N SER A 298 19.95 14.32 -7.12
CA SER A 298 19.62 15.40 -8.03
C SER A 298 19.00 16.58 -7.29
N ASP A 299 19.16 17.78 -7.86
CA ASP A 299 18.61 18.99 -7.27
C ASP A 299 18.33 20.01 -8.36
C2 BGC B . -1.01 -7.94 1.68
C3 BGC B . 0.46 -7.73 2.12
C4 BGC B . 0.92 -6.30 1.82
C5 BGC B . -0.08 -5.30 2.40
C6 BGC B . 0.27 -3.86 2.04
C1 BGC B . -1.89 -6.85 2.27
O1 BGC B . -3.18 -6.98 1.78
O2 BGC B . -1.46 -9.20 2.14
O3 BGC B . 1.29 -8.64 1.42
O4 BGC B . 2.19 -6.10 2.40
O5 BGC B . -1.40 -5.55 1.89
O6 BGC B . 0.39 -3.69 0.62
#